data_3DD6
#
_entry.id   3DD6
#
_cell.length_a   86.750
_cell.length_b   86.750
_cell.length_c   179.080
_cell.angle_alpha   90.00
_cell.angle_beta   90.00
_cell.angle_gamma   120.00
#
_symmetry.space_group_name_H-M   'H 3 2'
#
loop_
_entity.id
_entity.type
_entity.pdbx_description
1 polymer 'Ribonuclease PH'
2 non-polymer 'SULFATE ION'
3 water water
#
_entity_poly.entity_id   1
_entity_poly.type   'polypeptide(L)'
_entity_poly.pdbx_seq_one_letter_code
;MGSSHHHHHHMRVDGREKTELRHIHIHTNYLKHPEGSVLIEVGDTKVICSATIEERVPPFMRGEGKGWVTAEYAMIPRAT
EQRTIRESSKGKVTGRTMEIQRLIGRALRAVVDLEALGERTVWIDCDVIQADGGTRTASITGAYVAMVLAFEKLLQAEKV
SKIPVKDYLAATSVGIVEEQGVVLDLNYAEDSKADVDMNVIMTGKGQFVEVQGTGEEATFSRAQLNELLDAAEQGIFQLI
DIQKEALGDIVSHIE
;
_entity_poly.pdbx_strand_id   A
#
# COMPACT_ATOMS: atom_id res chain seq x y z
N MET A 11 -12.87 30.42 11.41
CA MET A 11 -13.63 29.69 12.47
C MET A 11 -13.39 28.19 12.45
N ARG A 12 -13.19 27.63 11.25
CA ARG A 12 -12.84 26.21 11.12
C ARG A 12 -11.48 25.93 11.73
N VAL A 13 -11.39 24.80 12.43
CA VAL A 13 -10.12 24.30 12.97
C VAL A 13 -9.16 24.06 11.80
N ASP A 14 -7.96 24.62 11.89
CA ASP A 14 -6.96 24.41 10.85
C ASP A 14 -6.09 23.21 11.22
N GLY A 15 -5.67 22.46 10.22
CA GLY A 15 -4.78 21.33 10.46
C GLY A 15 -5.51 20.06 10.86
N ARG A 16 -4.71 19.09 11.32
CA ARG A 16 -5.11 17.71 11.61
C ARG A 16 -4.82 17.37 13.05
N GLU A 17 -5.67 16.56 13.68
CA GLU A 17 -5.31 16.02 14.97
C GLU A 17 -4.19 14.99 14.87
N LYS A 18 -3.57 14.68 16.02
CA LYS A 18 -2.39 13.79 16.05
C LYS A 18 -2.72 12.41 15.52
N THR A 19 -3.96 12.00 15.74
CA THR A 19 -4.41 10.68 15.37
C THR A 19 -5.34 10.67 14.13
N GLU A 20 -5.18 11.67 13.25
CA GLU A 20 -6.07 11.85 12.10
C GLU A 20 -5.33 11.68 10.78
N LEU A 21 -5.92 10.90 9.88
CA LEU A 21 -5.40 10.73 8.52
C LEU A 21 -5.52 12.01 7.72
N ARG A 22 -4.68 12.15 6.70
CA ARG A 22 -4.91 13.15 5.67
C ARG A 22 -6.13 12.73 4.85
N HIS A 23 -6.59 13.60 3.96
CA HIS A 23 -7.69 13.28 3.04
C HIS A 23 -7.31 12.09 2.16
N ILE A 24 -8.17 11.09 2.12
CA ILE A 24 -7.92 9.86 1.37
C ILE A 24 -8.96 9.79 0.25
N HIS A 25 -8.47 9.60 -0.97
CA HIS A 25 -9.36 9.42 -2.10
C HIS A 25 -8.80 8.29 -2.96
N ILE A 26 -9.64 7.30 -3.30
CA ILE A 26 -9.24 6.16 -4.13
C ILE A 26 -10.07 6.17 -5.42
N HIS A 27 -9.42 6.54 -6.51
CA HIS A 27 -10.06 6.61 -7.82
C HIS A 27 -9.91 5.30 -8.57
N THR A 28 -11.02 4.59 -8.76
CA THR A 28 -11.03 3.27 -9.40
C THR A 28 -11.25 3.34 -10.92
N ASN A 29 -10.78 2.32 -11.63
CA ASN A 29 -10.79 2.28 -13.11
C ASN A 29 -10.21 3.59 -13.66
N TYR A 30 -9.10 4.00 -13.04
CA TYR A 30 -8.49 5.31 -13.28
C TYR A 30 -8.02 5.44 -14.73
N LEU A 31 -7.30 4.43 -15.19
CA LEU A 31 -6.81 4.37 -16.55
C LEU A 31 -7.28 3.08 -17.19
N LYS A 32 -7.28 3.06 -18.52
CA LYS A 32 -7.98 2.02 -19.32
C LYS A 32 -7.30 0.67 -19.48
N HIS A 33 -5.97 0.66 -19.64
CA HIS A 33 -5.27 -0.56 -20.11
C HIS A 33 -5.06 -1.68 -19.06
N PRO A 34 -4.79 -1.32 -17.77
CA PRO A 34 -4.58 -2.40 -16.77
C PRO A 34 -5.83 -3.23 -16.49
N GLU A 35 -5.64 -4.47 -16.07
CA GLU A 35 -6.75 -5.22 -15.49
C GLU A 35 -7.35 -4.51 -14.30
N GLY A 36 -6.52 -3.79 -13.52
CA GLY A 36 -7.02 -3.04 -12.37
C GLY A 36 -6.20 -1.78 -12.22
N SER A 37 -6.90 -0.66 -12.09
CA SER A 37 -6.25 0.67 -12.11
C SER A 37 -6.84 1.60 -11.06
N VAL A 38 -5.95 2.24 -10.28
CA VAL A 38 -6.31 3.11 -9.20
C VAL A 38 -5.36 4.30 -9.18
N LEU A 39 -5.89 5.48 -8.87
CA LEU A 39 -5.07 6.59 -8.39
C LEU A 39 -5.44 6.79 -6.91
N ILE A 40 -4.48 6.63 -6.02
CA ILE A 40 -4.75 6.89 -4.62
C ILE A 40 -4.12 8.22 -4.22
N GLU A 41 -4.91 9.01 -3.51
CA GLU A 41 -4.45 10.27 -2.97
C GLU A 41 -4.50 10.15 -1.44
N VAL A 42 -3.38 10.43 -0.80
CA VAL A 42 -3.31 10.53 0.66
C VAL A 42 -2.69 11.91 0.96
N GLY A 43 -3.54 12.89 1.24
CA GLY A 43 -3.12 14.31 1.21
C GLY A 43 -2.45 14.59 -0.12
N ASP A 44 -1.27 15.23 -0.07
CA ASP A 44 -0.48 15.51 -1.27
C ASP A 44 0.20 14.29 -1.90
N THR A 45 0.28 13.18 -1.17
CA THR A 45 0.85 11.96 -1.75
C THR A 45 -0.10 11.33 -2.76
N LYS A 46 0.38 11.20 -3.99
CA LYS A 46 -0.42 10.61 -5.07
C LYS A 46 0.30 9.52 -5.84
N VAL A 47 -0.33 8.36 -5.93
CA VAL A 47 0.27 7.15 -6.54
C VAL A 47 -0.68 6.45 -7.52
N ILE A 48 -0.18 6.29 -8.75
CA ILE A 48 -0.86 5.45 -9.74
C ILE A 48 -0.52 3.96 -9.50
N CYS A 49 -1.54 3.16 -9.21
CA CYS A 49 -1.36 1.74 -8.88
C CYS A 49 -2.05 0.93 -9.95
N SER A 50 -1.30 0.09 -10.66
N SER A 50 -1.30 0.04 -10.61
CA SER A 50 -1.95 -0.84 -11.59
CA SER A 50 -1.93 -0.85 -11.58
C SER A 50 -1.70 -2.28 -11.23
C SER A 50 -1.64 -2.31 -11.33
N ALA A 51 -2.62 -3.14 -11.67
CA ALA A 51 -2.47 -4.55 -11.52
C ALA A 51 -2.60 -5.11 -12.92
N THR A 52 -1.62 -5.93 -13.26
CA THR A 52 -1.52 -6.63 -14.56
C THR A 52 -1.49 -8.15 -14.35
N ILE A 53 -2.36 -8.83 -15.06
CA ILE A 53 -2.42 -10.29 -14.98
C ILE A 53 -1.60 -10.92 -16.12
N GLU A 54 -0.63 -11.75 -15.76
CA GLU A 54 0.14 -12.53 -16.73
C GLU A 54 -0.15 -13.98 -16.44
N GLU A 55 -0.44 -14.75 -17.49
CA GLU A 55 -0.73 -16.20 -17.43
C GLU A 55 0.58 -17.01 -17.41
N ARG A 56 1.42 -16.70 -16.43
CA ARG A 56 2.70 -17.34 -16.21
C ARG A 56 3.10 -17.09 -14.76
N VAL A 57 3.89 -18.00 -14.19
CA VAL A 57 4.53 -17.77 -12.90
C VAL A 57 6.05 -17.98 -13.09
N PRO A 58 6.88 -17.47 -12.13
CA PRO A 58 8.33 -17.68 -12.21
C PRO A 58 8.71 -19.17 -12.28
N PRO A 59 9.81 -19.50 -12.98
CA PRO A 59 10.31 -20.88 -13.12
C PRO A 59 10.40 -21.65 -11.79
N PHE A 60 10.87 -20.97 -10.74
CA PHE A 60 11.09 -21.61 -9.42
C PHE A 60 9.84 -22.28 -8.82
N MET A 61 8.68 -22.00 -9.39
CA MET A 61 7.41 -22.47 -8.85
C MET A 61 6.43 -22.96 -9.92
N ARG A 62 6.89 -23.07 -11.15
CA ARG A 62 6.06 -23.51 -12.27
C ARG A 62 5.58 -24.94 -12.11
N GLY A 63 4.34 -25.19 -12.50
CA GLY A 63 3.74 -26.52 -12.39
C GLY A 63 3.19 -26.85 -11.01
N GLU A 64 3.47 -25.99 -10.04
CA GLU A 64 3.03 -26.20 -8.64
C GLU A 64 1.61 -25.70 -8.39
N GLY A 65 1.00 -25.11 -9.41
CA GLY A 65 -0.39 -24.70 -9.35
C GLY A 65 -0.74 -23.46 -8.54
N LYS A 66 0.27 -22.77 -8.00
CA LYS A 66 0.05 -21.54 -7.24
C LYS A 66 0.48 -20.35 -8.08
N GLY A 67 -0.15 -19.21 -7.81
CA GLY A 67 0.20 -17.95 -8.44
C GLY A 67 1.19 -17.14 -7.63
N TRP A 68 1.39 -15.89 -8.05
CA TRP A 68 2.43 -15.08 -7.50
C TRP A 68 2.03 -13.60 -7.58
N VAL A 69 2.61 -12.75 -6.74
CA VAL A 69 2.35 -11.33 -6.87
C VAL A 69 3.72 -10.73 -6.78
N THR A 70 4.02 -9.78 -7.65
CA THR A 70 5.31 -9.07 -7.61
C THR A 70 5.16 -7.57 -7.84
N ALA A 71 5.90 -6.76 -7.11
CA ALA A 71 5.61 -5.37 -7.23
C ALA A 71 6.84 -4.55 -7.66
N GLU A 72 6.55 -3.50 -8.45
CA GLU A 72 7.55 -2.50 -8.82
C GLU A 72 7.07 -1.13 -8.38
N TYR A 73 8.02 -0.27 -8.04
CA TYR A 73 7.80 1.09 -7.49
C TYR A 73 8.73 2.09 -8.17
N ALA A 74 8.21 3.27 -8.49
CA ALA A 74 9.09 4.37 -8.91
C ALA A 74 8.40 5.67 -8.60
N MET A 75 9.20 6.73 -8.49
CA MET A 75 8.69 8.09 -8.42
C MET A 75 9.09 8.82 -9.69
N ILE A 76 8.12 9.49 -10.32
CA ILE A 76 8.50 10.43 -11.39
C ILE A 76 9.45 11.52 -10.81
N PRO A 77 10.42 11.98 -11.62
CA PRO A 77 11.47 12.86 -11.04
C PRO A 77 11.06 14.10 -10.21
N ARG A 78 10.01 14.82 -10.60
CA ARG A 78 9.51 15.90 -9.80
C ARG A 78 8.21 15.50 -9.06
N ALA A 79 8.06 14.22 -8.72
CA ALA A 79 7.14 13.88 -7.62
C ALA A 79 7.50 14.61 -6.31
N THR A 80 8.77 14.93 -6.16
CA THR A 80 9.34 15.44 -4.92
C THR A 80 9.61 16.89 -5.13
N GLU A 81 9.66 17.65 -4.02
CA GLU A 81 9.95 19.07 -3.99
C GLU A 81 11.30 19.39 -4.63
N GLN A 82 12.36 18.66 -4.26
CA GLN A 82 13.65 18.67 -4.96
C GLN A 82 13.71 17.59 -6.03
N ARG A 83 13.96 17.91 -7.26
CA ARG A 83 13.94 16.85 -8.29
C ARG A 83 14.86 15.68 -7.90
N THR A 84 14.36 14.47 -8.10
CA THR A 84 15.16 13.21 -7.98
C THR A 84 15.66 12.72 -9.33
N ILE A 85 16.88 12.20 -9.34
CA ILE A 85 17.47 11.55 -10.53
C ILE A 85 16.63 10.34 -10.92
N ARG A 86 16.27 10.26 -12.18
CA ARG A 86 15.47 9.16 -12.70
C ARG A 86 16.22 7.83 -12.52
N GLU A 87 15.51 6.81 -12.02
CA GLU A 87 15.99 5.43 -12.06
C GLU A 87 15.65 4.94 -13.47
N SER A 88 16.60 5.13 -14.38
CA SER A 88 16.36 5.00 -15.82
C SER A 88 16.90 3.69 -16.37
N SER A 89 17.97 3.20 -15.75
CA SER A 89 18.70 1.98 -16.13
C SER A 89 20.19 2.24 -16.37
N GLY A 91 21.63 7.02 -14.17
CA GLY A 91 20.51 6.32 -13.53
C GLY A 91 20.90 5.01 -12.88
N LYS A 92 20.15 4.61 -11.84
CA LYS A 92 20.41 3.33 -11.14
C LYS A 92 19.39 3.10 -10.01
N VAL A 93 18.96 1.85 -9.83
CA VAL A 93 17.87 1.52 -8.85
C VAL A 93 18.42 1.61 -7.43
N THR A 94 17.78 2.46 -6.63
CA THR A 94 18.15 2.73 -5.25
C THR A 94 17.76 1.60 -4.30
N GLY A 95 18.49 1.51 -3.19
CA GLY A 95 18.11 0.58 -2.13
C GLY A 95 16.72 0.83 -1.58
N ARG A 96 16.34 2.10 -1.53
CA ARG A 96 15.02 2.50 -1.06
C ARG A 96 13.93 1.89 -1.95
N THR A 97 14.09 2.06 -3.26
CA THR A 97 13.15 1.41 -4.19
C THR A 97 13.11 -0.08 -4.00
N MET A 98 14.28 -0.72 -3.86
CA MET A 98 14.29 -2.17 -3.76
CA MET A 98 14.31 -2.18 -3.74
C MET A 98 13.58 -2.66 -2.49
N GLU A 99 13.82 -1.98 -1.38
CA GLU A 99 13.15 -2.31 -0.11
C GLU A 99 11.64 -2.14 -0.21
N ILE A 100 11.23 -1.03 -0.79
CA ILE A 100 9.81 -0.71 -0.96
C ILE A 100 9.11 -1.75 -1.82
N GLN A 101 9.72 -2.13 -2.94
CA GLN A 101 9.16 -3.21 -3.81
C GLN A 101 8.96 -4.50 -3.08
N ARG A 102 9.97 -4.88 -2.29
CA ARG A 102 9.90 -6.12 -1.50
C ARG A 102 8.73 -6.04 -0.51
N LEU A 103 8.60 -4.91 0.15
CA LEU A 103 7.51 -4.68 1.11
C LEU A 103 6.13 -4.83 0.48
N ILE A 104 5.94 -4.21 -0.69
CA ILE A 104 4.62 -4.16 -1.30
C ILE A 104 4.23 -5.57 -1.75
N GLY A 105 5.18 -6.26 -2.40
CA GLY A 105 4.94 -7.60 -2.89
C GLY A 105 4.67 -8.59 -1.77
N ARG A 106 5.48 -8.53 -0.71
CA ARG A 106 5.28 -9.43 0.45
C ARG A 106 3.90 -9.20 1.07
N ALA A 107 3.52 -7.93 1.18
CA ALA A 107 2.27 -7.57 1.85
C ALA A 107 1.08 -8.12 1.10
N LEU A 108 1.05 -7.87 -0.21
CA LEU A 108 -0.05 -8.35 -1.05
C LEU A 108 -0.09 -9.86 -1.16
N ARG A 109 1.08 -10.51 -1.27
CA ARG A 109 1.06 -11.99 -1.35
C ARG A 109 0.41 -12.61 -0.12
N ALA A 110 0.62 -11.99 1.03
CA ALA A 110 0.10 -12.53 2.28
C ALA A 110 -1.42 -12.61 2.29
N VAL A 111 -2.10 -11.71 1.57
CA VAL A 111 -3.58 -11.74 1.59
C VAL A 111 -4.24 -12.37 0.36
N VAL A 112 -3.43 -12.85 -0.58
CA VAL A 112 -3.96 -13.53 -1.74
C VAL A 112 -4.01 -15.03 -1.50
N ASP A 113 -5.12 -15.65 -1.87
CA ASP A 113 -5.18 -17.10 -1.95
C ASP A 113 -4.51 -17.49 -3.27
N LEU A 114 -3.22 -17.82 -3.18
CA LEU A 114 -2.41 -18.08 -4.38
C LEU A 114 -2.81 -19.34 -5.15
N GLU A 115 -3.33 -20.36 -4.44
CA GLU A 115 -3.85 -21.56 -5.10
C GLU A 115 -5.10 -21.21 -5.92
N ALA A 116 -5.97 -20.37 -5.35
CA ALA A 116 -7.23 -19.99 -6.02
C ALA A 116 -6.99 -19.05 -7.20
N LEU A 117 -5.94 -18.24 -7.09
CA LEU A 117 -5.45 -17.43 -8.21
C LEU A 117 -5.07 -18.31 -9.42
N GLY A 118 -4.59 -19.53 -9.14
CA GLY A 118 -4.07 -20.40 -10.17
C GLY A 118 -2.69 -19.96 -10.58
N GLU A 119 -2.12 -20.66 -11.54
CA GLU A 119 -0.78 -20.32 -12.00
C GLU A 119 -0.78 -19.11 -12.93
N ARG A 120 -0.71 -17.91 -12.32
CA ARG A 120 -0.71 -16.55 -12.93
C ARG A 120 0.08 -15.69 -11.98
N THR A 121 0.69 -14.60 -12.49
CA THR A 121 1.40 -13.58 -11.71
C THR A 121 0.57 -12.33 -11.82
N VAL A 122 0.35 -11.68 -10.67
CA VAL A 122 -0.09 -10.29 -10.62
C VAL A 122 1.13 -9.36 -10.57
N TRP A 123 1.32 -8.60 -11.64
CA TRP A 123 2.32 -7.53 -11.69
C TRP A 123 1.69 -6.25 -11.17
N ILE A 124 2.22 -5.78 -10.04
CA ILE A 124 1.73 -4.58 -9.38
C ILE A 124 2.71 -3.47 -9.71
N ASP A 125 2.23 -2.37 -10.32
CA ASP A 125 3.08 -1.20 -10.54
C ASP A 125 2.54 -0.03 -9.76
N CYS A 126 3.43 0.57 -8.98
CA CYS A 126 3.16 1.76 -8.16
C CYS A 126 4.06 2.90 -8.59
N ASP A 127 3.46 3.80 -9.36
CA ASP A 127 4.18 4.98 -9.81
C ASP A 127 3.70 6.22 -9.11
N VAL A 128 4.61 6.81 -8.34
CA VAL A 128 4.33 7.97 -7.50
C VAL A 128 4.42 9.24 -8.35
N ILE A 129 3.33 10.00 -8.44
CA ILE A 129 3.33 11.20 -9.25
C ILE A 129 3.48 12.43 -8.36
N GLN A 130 3.14 12.29 -7.07
CA GLN A 130 3.45 13.37 -6.12
C GLN A 130 3.76 12.74 -4.78
N ALA A 131 4.86 13.16 -4.15
CA ALA A 131 5.33 12.53 -2.92
C ALA A 131 5.35 13.54 -1.80
N ASP A 132 4.63 13.24 -0.71
CA ASP A 132 4.69 14.06 0.50
C ASP A 132 4.59 13.15 1.75
N GLY A 133 5.41 12.09 1.76
CA GLY A 133 5.36 11.12 2.86
C GLY A 133 4.35 9.98 2.68
N GLY A 134 4.70 8.82 3.20
CA GLY A 134 3.78 7.68 3.21
C GLY A 134 3.57 7.06 1.85
N THR A 135 4.52 7.23 0.92
CA THR A 135 4.34 6.65 -0.43
C THR A 135 4.27 5.14 -0.43
N ARG A 136 5.10 4.46 0.37
CA ARG A 136 5.09 3.00 0.31
C ARG A 136 3.81 2.40 0.86
N THR A 137 3.26 3.02 1.90
CA THR A 137 2.02 2.54 2.50
C THR A 137 0.79 2.97 1.69
N ALA A 138 0.83 4.17 1.13
CA ALA A 138 -0.19 4.58 0.16
C ALA A 138 -0.22 3.62 -1.01
N SER A 139 0.98 3.20 -1.46
CA SER A 139 1.12 2.25 -2.54
C SER A 139 0.46 0.95 -2.19
N ILE A 140 0.64 0.44 -0.97
CA ILE A 140 -0.01 -0.87 -0.67
C ILE A 140 -1.53 -0.72 -0.63
N THR A 141 -1.98 0.35 -0.01
CA THR A 141 -3.41 0.65 0.13
C THR A 141 -4.10 0.76 -1.23
N GLY A 142 -3.50 1.51 -2.16
CA GLY A 142 -4.04 1.65 -3.53
C GLY A 142 -3.93 0.37 -4.35
N ALA A 143 -2.77 -0.29 -4.25
CA ALA A 143 -2.49 -1.51 -5.00
C ALA A 143 -3.41 -2.65 -4.60
N TYR A 144 -3.76 -2.76 -3.31
CA TYR A 144 -4.79 -3.75 -2.92
C TYR A 144 -6.08 -3.60 -3.77
N VAL A 145 -6.56 -2.38 -3.88
CA VAL A 145 -7.80 -2.11 -4.59
C VAL A 145 -7.63 -2.43 -6.07
N ALA A 146 -6.50 -1.98 -6.65
CA ALA A 146 -6.18 -2.27 -8.05
C ALA A 146 -6.16 -3.79 -8.30
N MET A 147 -5.48 -4.53 -7.43
CA MET A 147 -5.51 -5.98 -7.46
C MET A 147 -6.92 -6.60 -7.40
N VAL A 148 -7.78 -6.10 -6.51
CA VAL A 148 -9.14 -6.66 -6.39
C VAL A 148 -9.95 -6.31 -7.65
N LEU A 149 -9.76 -5.09 -8.19
CA LEU A 149 -10.42 -4.72 -9.46
C LEU A 149 -10.03 -5.70 -10.56
N ALA A 150 -8.74 -6.05 -10.63
CA ALA A 150 -8.26 -7.11 -11.54
C ALA A 150 -8.87 -8.48 -11.27
N PHE A 151 -8.96 -8.85 -10.00
CA PHE A 151 -9.58 -10.12 -9.58
C PHE A 151 -11.06 -10.15 -9.93
N GLU A 152 -11.72 -8.99 -9.84
CA GLU A 152 -13.13 -8.93 -10.27
C GLU A 152 -13.29 -9.26 -11.77
N LYS A 153 -12.40 -8.72 -12.60
CA LYS A 153 -12.42 -9.03 -14.05
C LYS A 153 -12.19 -10.53 -14.34
N LEU A 154 -11.24 -11.13 -13.63
CA LEU A 154 -10.98 -12.57 -13.75
C LEU A 154 -12.21 -13.41 -13.43
N LEU A 155 -12.87 -13.06 -12.33
CA LEU A 155 -14.09 -13.71 -11.88
C LEU A 155 -15.21 -13.62 -12.91
N GLN A 156 -15.41 -12.43 -13.47
CA GLN A 156 -16.43 -12.22 -14.48
C GLN A 156 -16.12 -13.04 -15.74
N ALA A 157 -14.83 -13.24 -15.97
CA ALA A 157 -14.31 -14.01 -17.11
C ALA A 157 -14.30 -15.51 -16.83
N GLU A 158 -14.71 -15.88 -15.61
CA GLU A 158 -14.80 -17.29 -15.18
C GLU A 158 -13.43 -17.97 -15.11
N LYS A 159 -12.39 -17.17 -14.87
CA LYS A 159 -11.01 -17.63 -14.81
C LYS A 159 -10.55 -17.91 -13.37
N VAL A 160 -11.41 -17.57 -12.42
CA VAL A 160 -11.26 -17.89 -11.00
C VAL A 160 -12.69 -18.10 -10.51
N SER A 161 -12.84 -18.82 -9.40
CA SER A 161 -14.18 -19.12 -8.88
C SER A 161 -14.65 -18.15 -7.80
N LYS A 162 -13.72 -17.37 -7.27
CA LYS A 162 -14.02 -16.32 -6.32
C LYS A 162 -12.91 -15.29 -6.44
N ILE A 163 -13.13 -14.11 -5.89
CA ILE A 163 -12.03 -13.15 -5.74
C ILE A 163 -11.02 -13.81 -4.78
N PRO A 164 -9.79 -14.08 -5.27
CA PRO A 164 -8.89 -14.87 -4.42
C PRO A 164 -8.17 -14.06 -3.36
N VAL A 165 -8.93 -13.38 -2.49
CA VAL A 165 -8.34 -12.68 -1.35
C VAL A 165 -8.87 -13.28 -0.06
N LYS A 166 -8.00 -13.31 0.95
CA LYS A 166 -8.31 -13.84 2.26
C LYS A 166 -8.86 -12.76 3.19
N ASP A 167 -8.68 -11.49 2.82
CA ASP A 167 -9.14 -10.36 3.62
C ASP A 167 -8.87 -9.08 2.86
N TYR A 168 -9.33 -7.96 3.44
CA TYR A 168 -8.90 -6.62 3.08
C TYR A 168 -7.53 -6.36 3.67
N LEU A 169 -6.79 -5.46 3.03
CA LEU A 169 -5.45 -5.10 3.46
C LEU A 169 -5.20 -3.64 3.17
N ALA A 170 -4.74 -2.93 4.20
CA ALA A 170 -4.29 -1.56 4.04
C ALA A 170 -3.10 -1.25 4.94
N ALA A 171 -2.52 -0.07 4.77
CA ALA A 171 -1.26 0.25 5.40
C ALA A 171 -1.17 1.73 5.70
N THR A 172 -0.37 2.06 6.71
CA THR A 172 -0.16 3.46 7.08
C THR A 172 1.17 3.63 7.80
N SER A 173 1.65 4.87 7.87
CA SER A 173 2.80 5.17 8.68
C SER A 173 2.31 5.73 10.00
N VAL A 174 3.18 5.65 10.99
CA VAL A 174 3.00 6.28 12.29
C VAL A 174 4.39 6.71 12.73
N GLY A 175 4.47 7.64 13.66
CA GLY A 175 5.77 8.15 14.07
C GLY A 175 5.71 8.84 15.41
N ILE A 176 6.89 9.03 15.99
CA ILE A 176 7.03 9.89 17.17
C ILE A 176 7.79 11.14 16.73
N VAL A 177 7.11 12.27 16.80
CA VAL A 177 7.60 13.50 16.17
C VAL A 177 7.96 14.58 17.18
N GLU A 178 9.14 15.17 17.02
CA GLU A 178 9.65 16.24 17.88
C GLU A 178 8.54 17.20 18.33
N GLU A 179 8.30 17.26 19.63
CA GLU A 179 7.38 18.18 20.31
C GLU A 179 5.93 17.83 19.98
N GLN A 180 5.61 16.67 19.51
CA GLN A 180 4.23 16.26 19.18
C GLN A 180 3.86 14.87 19.70
N GLY A 181 4.86 14.03 19.94
CA GLY A 181 4.64 12.66 20.38
C GLY A 181 4.17 11.77 19.24
N VAL A 182 3.30 10.82 19.57
CA VAL A 182 2.75 9.88 18.59
C VAL A 182 1.79 10.58 17.62
N VAL A 183 2.16 10.55 16.34
CA VAL A 183 1.31 11.05 15.25
C VAL A 183 1.10 10.01 14.14
N LEU A 184 -0.09 10.06 13.53
CA LEU A 184 -0.50 9.11 12.49
C LEU A 184 -0.39 9.72 11.08
N ASP A 185 0.02 8.90 10.10
CA ASP A 185 0.07 9.32 8.67
C ASP A 185 0.93 10.58 8.46
N LEU A 186 2.25 10.40 8.49
CA LEU A 186 3.17 11.54 8.49
C LEU A 186 3.38 12.08 7.09
N ASN A 187 3.31 13.39 6.96
CA ASN A 187 3.79 14.01 5.72
C ASN A 187 5.33 14.02 5.69
N TYR A 188 5.92 14.49 4.60
CA TYR A 188 7.38 14.50 4.48
C TYR A 188 8.11 15.34 5.55
N ALA A 189 7.66 16.58 5.74
CA ALA A 189 8.12 17.48 6.82
C ALA A 189 8.11 16.82 8.20
N GLU A 190 7.01 16.15 8.54
CA GLU A 190 6.85 15.44 9.82
C GLU A 190 7.78 14.20 9.92
N ASP A 191 7.92 13.46 8.83
CA ASP A 191 8.83 12.33 8.89
C ASP A 191 10.30 12.76 9.00
N SER A 192 10.63 13.92 8.45
CA SER A 192 12.02 14.38 8.45
C SER A 192 12.46 14.90 9.83
N LYS A 193 11.49 15.22 10.69
CA LYS A 193 11.82 15.51 12.08
C LYS A 193 11.19 14.49 13.03
N ALA A 194 11.03 13.26 12.55
CA ALA A 194 10.58 12.16 13.38
C ALA A 194 11.76 11.42 14.02
N ASP A 195 11.69 11.24 15.34
CA ASP A 195 12.67 10.42 16.07
C ASP A 195 12.48 8.93 15.81
N VAL A 196 11.22 8.53 15.65
CA VAL A 196 10.82 7.17 15.36
C VAL A 196 9.78 7.21 14.24
N ASP A 197 9.89 6.30 13.27
CA ASP A 197 8.84 6.12 12.29
C ASP A 197 8.57 4.66 12.05
N MET A 198 7.35 4.37 11.60
CA MET A 198 6.92 3.01 11.49
C MET A 198 5.92 2.81 10.35
N ASN A 199 6.07 1.71 9.62
CA ASN A 199 5.08 1.29 8.63
C ASN A 199 4.33 0.06 9.12
N VAL A 200 3.00 0.10 9.05
CA VAL A 200 2.17 -0.98 9.55
C VAL A 200 1.23 -1.43 8.45
N ILE A 201 1.13 -2.75 8.26
CA ILE A 201 0.29 -3.34 7.23
C ILE A 201 -0.64 -4.34 7.92
N MET A 202 -1.94 -4.08 7.85
N MET A 202 -1.94 -4.04 7.91
CA MET A 202 -2.91 -4.84 8.61
CA MET A 202 -2.96 -4.78 8.68
C MET A 202 -4.11 -5.25 7.76
C MET A 202 -4.17 -5.18 7.85
N THR A 203 -4.78 -6.33 8.17
CA THR A 203 -5.99 -6.83 7.49
C THR A 203 -7.26 -6.30 8.14
N GLY A 204 -8.41 -6.54 7.51
CA GLY A 204 -9.72 -6.15 8.05
C GLY A 204 -10.10 -6.83 9.38
N LYS A 205 -9.46 -7.95 9.68
CA LYS A 205 -9.70 -8.68 10.93
C LYS A 205 -8.71 -8.29 12.03
N GLY A 206 -7.95 -7.22 11.78
CA GLY A 206 -6.97 -6.68 12.72
C GLY A 206 -5.69 -7.49 12.90
N GLN A 207 -5.34 -8.28 11.89
CA GLN A 207 -4.17 -9.13 11.96
C GLN A 207 -3.06 -8.48 11.13
N PHE A 208 -1.82 -8.60 11.60
CA PHE A 208 -0.69 -7.96 10.91
C PHE A 208 -0.10 -8.81 9.81
N VAL A 209 0.33 -8.14 8.76
CA VAL A 209 1.09 -8.76 7.70
C VAL A 209 2.53 -8.25 7.76
N GLU A 210 2.69 -6.98 8.13
CA GLU A 210 4.03 -6.43 8.27
C GLU A 210 4.06 -5.29 9.28
N VAL A 211 5.09 -5.26 10.10
CA VAL A 211 5.34 -4.15 11.04
C VAL A 211 6.82 -3.84 10.92
N GLN A 212 7.14 -2.58 10.65
CA GLN A 212 8.51 -2.15 10.49
C GLN A 212 8.70 -0.79 11.20
N GLY A 213 9.41 -0.80 12.32
CA GLY A 213 9.66 0.42 13.09
C GLY A 213 11.14 0.70 13.17
N THR A 214 11.51 1.97 13.03
CA THR A 214 12.90 2.39 13.01
C THR A 214 13.09 3.61 13.88
N GLY A 215 13.97 3.48 14.88
CA GLY A 215 14.47 4.62 15.61
C GLY A 215 15.45 5.36 14.72
N GLU A 216 15.23 6.65 14.56
CA GLU A 216 16.07 7.48 13.70
C GLU A 216 17.00 8.31 14.59
N GLU A 217 18.23 7.84 14.75
CA GLU A 217 19.20 8.46 15.59
C GLU A 217 18.73 8.45 17.00
N ALA A 218 17.85 7.52 17.31
CA ALA A 218 17.11 7.55 18.55
C ALA A 218 16.53 6.19 18.71
N THR A 219 15.80 5.97 19.82
CA THR A 219 15.30 4.66 20.18
C THR A 219 13.87 4.71 20.66
N PHE A 220 13.20 3.59 20.75
CA PHE A 220 11.83 3.55 21.20
C PHE A 220 11.63 2.47 22.23
N SER A 221 10.77 2.70 23.22
CA SER A 221 10.42 1.69 24.19
C SER A 221 9.29 0.82 23.67
N ARG A 222 9.06 -0.28 24.36
CA ARG A 222 7.95 -1.17 24.06
C ARG A 222 6.59 -0.52 24.27
N ALA A 223 6.53 0.38 25.26
CA ALA A 223 5.32 1.14 25.52
C ALA A 223 4.96 1.95 24.29
N GLN A 224 5.97 2.60 23.70
CA GLN A 224 5.79 3.42 22.52
C GLN A 224 5.39 2.56 21.31
N LEU A 225 6.00 1.38 21.18
CA LEU A 225 5.64 0.44 20.10
C LEU A 225 4.15 0.10 20.16
N ASN A 226 3.67 -0.22 21.36
CA ASN A 226 2.27 -0.51 21.55
C ASN A 226 1.36 0.68 21.21
N GLU A 227 1.79 1.87 21.62
CA GLU A 227 1.10 3.13 21.32
C GLU A 227 1.01 3.38 19.82
N LEU A 228 2.16 3.29 19.16
CA LEU A 228 2.25 3.47 17.71
C LEU A 228 1.34 2.50 16.96
N LEU A 229 1.34 1.25 17.39
CA LEU A 229 0.52 0.21 16.77
C LEU A 229 -0.97 0.46 16.95
N ASP A 230 -1.37 0.82 18.16
CA ASP A 230 -2.75 1.16 18.48
C ASP A 230 -3.28 2.18 17.48
N ALA A 231 -2.51 3.26 17.29
CA ALA A 231 -2.84 4.35 16.39
C ALA A 231 -2.87 3.94 14.92
N ALA A 232 -1.96 3.05 14.52
CA ALA A 232 -1.93 2.56 13.14
C ALA A 232 -3.15 1.66 12.84
N GLU A 233 -3.54 0.84 13.81
CA GLU A 233 -4.69 -0.07 13.67
C GLU A 233 -5.98 0.64 13.26
N GLN A 234 -6.24 1.79 13.90
CA GLN A 234 -7.45 2.53 13.66
C GLN A 234 -7.36 3.32 12.38
N GLY A 235 -6.17 3.83 12.07
CA GLY A 235 -5.91 4.47 10.78
C GLY A 235 -6.23 3.48 9.68
N ILE A 236 -5.72 2.26 9.85
CA ILE A 236 -5.93 1.21 8.85
C ILE A 236 -7.39 0.74 8.74
N PHE A 237 -8.09 0.56 9.87
CA PHE A 237 -9.52 0.24 9.80
C PHE A 237 -10.30 1.31 9.01
N GLN A 238 -9.93 2.58 9.20
CA GLN A 238 -10.53 3.71 8.45
C GLN A 238 -10.20 3.61 6.95
N LEU A 239 -8.94 3.29 6.64
CA LEU A 239 -8.52 3.10 5.26
C LEU A 239 -9.28 1.96 4.60
N ILE A 240 -9.50 0.88 5.35
CA ILE A 240 -10.25 -0.26 4.83
C ILE A 240 -11.71 0.14 4.56
N ASP A 241 -12.29 0.92 5.45
CA ASP A 241 -13.62 1.47 5.19
C ASP A 241 -13.67 2.22 3.86
N ILE A 242 -12.66 3.04 3.60
CA ILE A 242 -12.55 3.80 2.35
C ILE A 242 -12.34 2.88 1.13
N GLN A 243 -11.55 1.80 1.29
CA GLN A 243 -11.36 0.83 0.22
C GLN A 243 -12.70 0.17 -0.13
N LYS A 244 -13.44 -0.18 0.90
CA LYS A 244 -14.81 -0.67 0.73
C LYS A 244 -15.71 0.36 0.03
N GLU A 245 -15.59 1.64 0.39
CA GLU A 245 -16.34 2.71 -0.30
C GLU A 245 -16.02 2.70 -1.80
N ALA A 246 -14.74 2.64 -2.11
CA ALA A 246 -14.23 2.65 -3.48
C ALA A 246 -14.65 1.41 -4.28
N LEU A 247 -14.73 0.27 -3.60
CA LEU A 247 -14.98 -1.00 -4.25
C LEU A 247 -16.46 -1.22 -4.64
N GLY A 248 -17.38 -0.44 -4.06
CA GLY A 248 -18.79 -0.51 -4.43
C GLY A 248 -19.28 -1.93 -4.25
N ASP A 249 -19.99 -2.43 -5.26
CA ASP A 249 -20.63 -3.75 -5.19
C ASP A 249 -19.66 -4.94 -5.11
N ILE A 250 -18.42 -4.71 -5.49
CA ILE A 250 -17.41 -5.77 -5.47
C ILE A 250 -17.24 -6.35 -4.06
N VAL A 251 -17.51 -5.54 -3.02
CA VAL A 251 -17.43 -6.00 -1.62
C VAL A 251 -18.27 -7.25 -1.35
N SER A 252 -19.35 -7.42 -2.13
CA SER A 252 -20.22 -8.59 -2.06
C SER A 252 -19.54 -9.85 -2.54
N HIS A 253 -18.49 -9.70 -3.34
CA HIS A 253 -17.76 -10.84 -3.86
C HIS A 253 -16.58 -11.21 -2.94
N ILE A 254 -16.46 -10.49 -1.83
CA ILE A 254 -15.43 -10.77 -0.82
C ILE A 254 -16.11 -11.13 0.52
N GLU A 255 -15.53 -12.08 1.26
CA GLU A 255 -16.05 -12.45 2.59
C GLU A 255 -15.25 -11.79 3.71
#